data_2EEN
#
_entry.id   2EEN
#
_cell.length_a   63.394
_cell.length_b   36.439
_cell.length_c   80.375
_cell.angle_alpha   90.00
_cell.angle_beta   91.80
_cell.angle_gamma   90.00
#
_symmetry.space_group_name_H-M   'P 1 21 1'
#
loop_
_entity.id
_entity.type
_entity.pdbx_description
1 polymer 'Hypothetical protein PH1819'
2 water water
#
_entity_poly.entity_id   1
_entity_poly.type   'polypeptide(L)'
_entity_poly.pdbx_seq_one_letter_code
;MYEVELKGYANDEIFEKVRETFEFMRKEIHEDIYYQHPCRDFSKTDEALRIRIKRFNGHNEVFLTYKGPKIDEKSKTRLE
IEVEIQEDVDKYFELLDRLGFKEVLKVVKTREKYYVEKGVTITLDEVEGLGKFIEIETLVKEKDEIPEAVEKLEKILREL
GVEKFERRSYLELLLEKRTELNI
;
_entity_poly.pdbx_strand_id   A,B
#
# COMPACT_ATOMS: atom_id res chain seq x y z
N TYR A 2 4.58 -7.78 -18.83
CA TYR A 2 4.38 -6.31 -18.87
C TYR A 2 3.10 -5.94 -19.60
N GLU A 3 2.50 -4.85 -19.19
CA GLU A 3 1.28 -4.38 -19.83
C GLU A 3 1.71 -3.37 -20.89
N VAL A 4 1.70 -3.80 -22.13
CA VAL A 4 2.08 -2.93 -23.23
C VAL A 4 0.93 -1.97 -23.46
N GLU A 5 1.22 -0.68 -23.48
CA GLU A 5 0.17 0.29 -23.69
C GLU A 5 0.59 1.41 -24.63
N LEU A 6 -0.34 1.77 -25.50
CA LEU A 6 -0.16 2.84 -26.46
C LEU A 6 -1.34 3.78 -26.32
N LYS A 7 -1.10 5.07 -26.54
CA LYS A 7 -2.15 6.05 -26.44
C LYS A 7 -2.08 7.02 -27.61
N GLY A 8 -3.25 7.45 -28.08
CA GLY A 8 -3.31 8.39 -29.16
C GLY A 8 -4.39 9.43 -28.90
N TYR A 9 -4.29 10.57 -29.56
CA TYR A 9 -5.31 11.60 -29.39
C TYR A 9 -6.51 11.10 -30.19
N ALA A 10 -7.71 11.41 -29.71
CA ALA A 10 -8.91 10.97 -30.40
C ALA A 10 -9.92 12.08 -30.63
N ASN A 11 -11.09 11.69 -31.12
CA ASN A 11 -12.17 12.62 -31.43
C ASN A 11 -13.44 11.81 -31.61
N ASP A 12 -14.57 12.49 -31.85
CA ASP A 12 -15.84 11.80 -32.02
C ASP A 12 -15.78 10.74 -33.11
N GLU A 13 -15.02 11.03 -34.17
CA GLU A 13 -14.87 10.11 -35.29
C GLU A 13 -14.24 8.79 -34.86
N ILE A 14 -13.11 8.86 -34.17
CA ILE A 14 -12.43 7.65 -33.71
C ILE A 14 -13.29 6.91 -32.69
N PHE A 15 -13.92 7.66 -31.79
CA PHE A 15 -14.79 7.07 -30.77
C PHE A 15 -15.92 6.27 -31.43
N GLU A 16 -16.60 6.88 -32.40
CA GLU A 16 -17.69 6.20 -33.07
C GLU A 16 -17.26 4.96 -33.81
N LYS A 17 -16.10 5.02 -34.46
CA LYS A 17 -15.59 3.89 -35.22
C LYS A 17 -15.34 2.72 -34.27
N VAL A 18 -14.84 3.01 -33.08
CA VAL A 18 -14.60 1.95 -32.12
C VAL A 18 -15.92 1.33 -31.68
N ARG A 19 -16.93 2.16 -31.44
CA ARG A 19 -18.22 1.67 -31.01
C ARG A 19 -18.88 0.77 -32.05
N GLU A 20 -18.56 1.04 -33.32
CA GLU A 20 -19.12 0.27 -34.43
C GLU A 20 -18.19 -0.84 -34.91
N THR A 21 -17.07 -1.03 -34.22
CA THR A 21 -16.12 -2.07 -34.62
C THR A 21 -15.89 -3.12 -33.55
N PHE A 22 -15.97 -2.70 -32.30
CA PHE A 22 -15.71 -3.62 -31.20
C PHE A 22 -16.81 -3.75 -30.17
N GLU A 23 -16.78 -4.90 -29.51
CA GLU A 23 -17.70 -5.25 -28.45
C GLU A 23 -17.49 -4.30 -27.27
N PHE A 24 -18.56 -3.65 -26.82
CA PHE A 24 -18.48 -2.76 -25.68
C PHE A 24 -18.45 -3.62 -24.44
N MET A 25 -17.55 -3.30 -23.53
CA MET A 25 -17.42 -4.04 -22.30
C MET A 25 -18.14 -3.26 -21.20
N ARG A 26 -17.59 -2.10 -20.84
CA ARG A 26 -18.23 -1.27 -19.83
C ARG A 26 -17.62 0.12 -19.79
N LYS A 27 -18.33 1.05 -19.18
CA LYS A 27 -17.86 2.43 -19.04
C LYS A 27 -17.46 2.64 -17.59
N GLU A 28 -16.36 3.34 -17.38
CA GLU A 28 -15.90 3.59 -16.02
C GLU A 28 -15.56 5.06 -15.85
N ILE A 29 -15.72 5.55 -14.62
CA ILE A 29 -15.33 6.91 -14.30
C ILE A 29 -14.08 6.68 -13.46
N HIS A 30 -13.02 7.43 -13.77
CA HIS A 30 -11.77 7.32 -13.03
C HIS A 30 -11.42 8.65 -12.41
N GLU A 31 -11.04 8.59 -11.14
CA GLU A 31 -10.61 9.77 -10.41
C GLU A 31 -9.28 9.33 -9.83
N ASP A 32 -8.20 9.84 -10.41
CA ASP A 32 -6.85 9.48 -9.96
C ASP A 32 -6.17 10.60 -9.21
N ILE A 33 -5.47 10.22 -8.15
CA ILE A 33 -4.70 11.19 -7.40
C ILE A 33 -3.26 10.73 -7.55
N TYR A 34 -2.42 11.58 -8.13
CA TYR A 34 -1.02 11.24 -8.31
C TYR A 34 -0.21 11.91 -7.22
N TYR A 35 0.81 11.20 -6.75
CA TYR A 35 1.67 11.68 -5.66
C TYR A 35 3.11 11.92 -6.02
N GLN A 36 3.75 12.76 -5.22
CA GLN A 36 5.17 13.02 -5.37
C GLN A 36 5.83 12.29 -4.22
N HIS A 37 7.02 11.77 -4.48
CA HIS A 37 7.79 11.05 -3.49
C HIS A 37 8.38 12.06 -2.52
N PRO A 38 8.48 11.70 -1.23
CA PRO A 38 9.02 12.64 -0.25
C PRO A 38 10.52 12.92 -0.38
N CYS A 39 11.26 11.97 -0.96
CA CYS A 39 12.70 12.09 -1.08
C CYS A 39 13.28 12.28 -2.47
N ARG A 40 12.56 11.84 -3.50
CA ARG A 40 13.05 11.98 -4.85
C ARG A 40 11.98 12.55 -5.76
N ASP A 41 12.42 13.12 -6.88
CA ASP A 41 11.50 13.73 -7.83
C ASP A 41 11.09 12.71 -8.86
N PHE A 42 9.86 12.20 -8.73
CA PHE A 42 9.36 11.21 -9.67
C PHE A 42 9.41 11.68 -11.10
N SER A 43 9.31 12.98 -11.32
CA SER A 43 9.34 13.49 -12.68
C SER A 43 10.72 13.32 -13.30
N LYS A 44 11.74 13.18 -12.46
CA LYS A 44 13.12 13.00 -12.92
C LYS A 44 13.46 11.52 -13.06
N THR A 45 12.80 10.68 -12.29
CA THR A 45 13.06 9.24 -12.33
C THR A 45 12.02 8.49 -13.16
N ASP A 46 11.03 9.23 -13.64
CA ASP A 46 9.95 8.69 -14.47
C ASP A 46 9.14 7.63 -13.76
N GLU A 47 8.87 7.86 -12.49
CA GLU A 47 8.07 6.95 -11.69
C GLU A 47 6.75 7.62 -11.38
N ALA A 48 5.79 6.84 -10.87
CA ALA A 48 4.50 7.39 -10.50
C ALA A 48 3.87 6.55 -9.40
N LEU A 49 3.07 7.20 -8.56
CA LEU A 49 2.35 6.50 -7.52
C LEU A 49 0.98 7.14 -7.55
N ARG A 50 -0.04 6.32 -7.66
CA ARG A 50 -1.39 6.85 -7.77
C ARG A 50 -2.45 6.04 -7.06
N ILE A 51 -3.48 6.74 -6.61
CA ILE A 51 -4.63 6.05 -6.03
C ILE A 51 -5.73 6.35 -7.02
N ARG A 52 -6.33 5.29 -7.55
CA ARG A 52 -7.40 5.42 -8.52
C ARG A 52 -8.73 4.95 -7.97
N ILE A 53 -9.75 5.76 -8.16
CA ILE A 53 -11.11 5.39 -7.77
C ILE A 53 -11.80 5.14 -9.09
N LYS A 54 -12.29 3.92 -9.26
CA LYS A 54 -12.96 3.51 -10.49
C LYS A 54 -14.45 3.29 -10.19
N ARG A 55 -15.30 3.96 -10.94
CA ARG A 55 -16.75 3.83 -10.75
C ARG A 55 -17.42 3.26 -12.01
N PHE A 56 -18.21 2.22 -11.83
CA PHE A 56 -18.93 1.60 -12.94
C PHE A 56 -20.08 0.77 -12.39
N ASN A 57 -21.19 0.73 -13.13
CA ASN A 57 -22.37 -0.03 -12.73
C ASN A 57 -22.78 0.04 -11.25
N GLY A 58 -22.69 1.22 -10.66
CA GLY A 58 -23.06 1.37 -9.26
C GLY A 58 -21.97 0.90 -8.31
N HIS A 59 -20.88 0.40 -8.89
CA HIS A 59 -19.76 -0.10 -8.11
C HIS A 59 -18.62 0.92 -8.03
N ASN A 60 -17.78 0.75 -7.02
CA ASN A 60 -16.62 1.62 -6.81
C ASN A 60 -15.45 0.71 -6.45
N GLU A 61 -14.36 0.83 -7.22
CA GLU A 61 -13.16 0.04 -6.94
C GLU A 61 -12.04 1.06 -6.76
N VAL A 62 -11.10 0.74 -5.87
CA VAL A 62 -9.99 1.65 -5.62
C VAL A 62 -8.69 0.89 -5.72
N PHE A 63 -7.70 1.50 -6.36
CA PHE A 63 -6.43 0.82 -6.53
C PHE A 63 -5.27 1.75 -6.22
N LEU A 64 -4.20 1.18 -5.68
CA LEU A 64 -2.97 1.92 -5.39
C LEU A 64 -2.00 1.32 -6.40
N THR A 65 -1.42 2.17 -7.23
CA THR A 65 -0.53 1.69 -8.27
C THR A 65 0.78 2.44 -8.35
N TYR A 66 1.86 1.67 -8.45
CA TYR A 66 3.19 2.23 -8.62
C TYR A 66 3.56 1.91 -10.05
N LYS A 67 4.14 2.88 -10.74
CA LYS A 67 4.58 2.65 -12.10
C LYS A 67 6.07 2.96 -12.19
N GLY A 68 6.82 2.05 -12.81
CA GLY A 68 8.24 2.23 -12.95
C GLY A 68 8.51 3.05 -14.21
N PRO A 69 9.80 3.29 -14.51
CA PRO A 69 10.20 4.07 -15.68
C PRO A 69 9.79 3.37 -16.97
N LYS A 70 9.54 4.16 -18.02
CA LYS A 70 9.19 3.60 -19.31
C LYS A 70 10.42 2.83 -19.77
N ILE A 71 10.21 1.63 -20.32
CA ILE A 71 11.34 0.83 -20.78
C ILE A 71 11.36 0.70 -22.30
N ASP A 72 10.37 1.30 -22.95
CA ASP A 72 10.26 1.24 -24.40
C ASP A 72 10.14 2.64 -25.01
N GLU A 73 10.89 2.90 -26.06
CA GLU A 73 10.88 4.20 -26.73
C GLU A 73 9.64 4.41 -27.58
N LYS A 74 9.03 3.31 -28.00
CA LYS A 74 7.84 3.36 -28.85
C LYS A 74 6.51 3.23 -28.12
N SER A 75 6.53 3.12 -26.80
CA SER A 75 5.27 2.99 -26.07
C SER A 75 5.39 3.52 -24.63
N LYS A 76 4.26 3.41 -23.91
CA LYS A 76 4.24 3.84 -22.51
C LYS A 76 4.42 2.66 -21.56
N THR A 77 4.86 1.51 -22.13
CA THR A 77 5.02 0.30 -21.34
C THR A 77 5.98 0.50 -20.18
N ARG A 78 5.56 0.04 -19.02
CA ARG A 78 6.38 0.17 -17.83
C ARG A 78 6.00 -0.89 -16.81
N LEU A 79 6.89 -1.13 -15.87
CA LEU A 79 6.61 -2.09 -14.82
C LEU A 79 5.55 -1.46 -13.93
N GLU A 80 4.65 -2.29 -13.42
CA GLU A 80 3.60 -1.77 -12.55
C GLU A 80 3.36 -2.72 -11.41
N ILE A 81 3.05 -2.14 -10.26
CA ILE A 81 2.72 -2.91 -9.08
C ILE A 81 1.39 -2.30 -8.66
N GLU A 82 0.35 -3.12 -8.63
CA GLU A 82 -0.96 -2.60 -8.28
C GLU A 82 -1.66 -3.50 -7.28
N VAL A 83 -2.26 -2.86 -6.29
CA VAL A 83 -3.01 -3.59 -5.28
C VAL A 83 -4.36 -2.92 -5.19
N GLU A 84 -5.38 -3.70 -4.86
CA GLU A 84 -6.71 -3.17 -4.73
C GLU A 84 -6.98 -2.81 -3.29
N ILE A 85 -7.51 -1.60 -3.09
CA ILE A 85 -7.88 -1.13 -1.77
C ILE A 85 -9.34 -1.54 -1.61
N GLN A 86 -9.57 -2.60 -0.85
CA GLN A 86 -10.92 -3.12 -0.65
C GLN A 86 -11.72 -2.43 0.44
N GLU A 87 -11.03 -1.72 1.32
CA GLU A 87 -11.67 -1.01 2.42
C GLU A 87 -10.74 0.05 2.97
N ASP A 88 -11.29 0.93 3.81
CA ASP A 88 -10.53 2.00 4.45
C ASP A 88 -9.73 2.84 3.46
N VAL A 89 -10.38 3.28 2.39
CA VAL A 89 -9.71 4.10 1.38
C VAL A 89 -9.08 5.32 2.04
N ASP A 90 -9.82 5.95 2.96
CA ASP A 90 -9.32 7.13 3.64
C ASP A 90 -8.03 6.87 4.40
N LYS A 91 -7.86 5.66 4.91
CA LYS A 91 -6.64 5.34 5.63
C LYS A 91 -5.44 5.33 4.70
N TYR A 92 -5.64 4.86 3.47
CA TYR A 92 -4.54 4.84 2.52
C TYR A 92 -4.14 6.28 2.20
N PHE A 93 -5.14 7.16 2.03
CA PHE A 93 -4.85 8.56 1.77
C PHE A 93 -4.06 9.15 2.93
N GLU A 94 -4.48 8.82 4.15
CA GLU A 94 -3.82 9.33 5.34
C GLU A 94 -2.41 8.76 5.47
N LEU A 95 -2.24 7.48 5.17
CA LEU A 95 -0.94 6.83 5.25
C LEU A 95 0.06 7.51 4.32
N LEU A 96 -0.34 7.69 3.07
CA LEU A 96 0.53 8.34 2.11
C LEU A 96 0.92 9.73 2.59
N ASP A 97 -0.04 10.49 3.10
CA ASP A 97 0.23 11.84 3.57
C ASP A 97 1.25 11.83 4.71
N ARG A 98 1.04 10.95 5.68
CA ARG A 98 1.94 10.84 6.82
C ARG A 98 3.34 10.43 6.40
N LEU A 99 3.45 9.59 5.38
CA LEU A 99 4.75 9.16 4.89
C LEU A 99 5.44 10.21 4.04
N GLY A 100 4.75 11.32 3.78
CA GLY A 100 5.37 12.38 3.02
C GLY A 100 5.05 12.44 1.53
N PHE A 101 4.13 11.59 1.08
CA PHE A 101 3.74 11.59 -0.31
C PHE A 101 2.65 12.63 -0.43
N LYS A 102 2.94 13.66 -1.24
CA LYS A 102 2.01 14.75 -1.42
C LYS A 102 1.33 14.70 -2.78
N GLU A 103 0.04 15.02 -2.78
CA GLU A 103 -0.73 15.04 -4.01
C GLU A 103 -0.11 16.06 -4.97
N VAL A 104 0.08 15.64 -6.21
CA VAL A 104 0.63 16.49 -7.23
C VAL A 104 -0.54 17.03 -8.05
N LEU A 105 -1.43 16.11 -8.43
CA LEU A 105 -2.58 16.48 -9.23
C LEU A 105 -3.62 15.38 -9.24
N LYS A 106 -4.86 15.75 -9.51
CA LYS A 106 -5.96 14.81 -9.60
C LYS A 106 -6.39 14.76 -11.06
N VAL A 107 -6.42 13.55 -11.61
CA VAL A 107 -6.81 13.37 -13.00
C VAL A 107 -8.15 12.67 -13.03
N VAL A 108 -9.13 13.29 -13.68
CA VAL A 108 -10.47 12.73 -13.76
C VAL A 108 -10.84 12.45 -15.20
N LYS A 109 -11.44 11.30 -15.45
CA LYS A 109 -11.82 10.96 -16.81
C LYS A 109 -12.90 9.88 -16.83
N THR A 110 -13.47 9.68 -18.00
CA THR A 110 -14.44 8.61 -18.19
C THR A 110 -13.71 7.70 -19.15
N ARG A 111 -13.96 6.41 -19.04
CA ARG A 111 -13.28 5.44 -19.89
C ARG A 111 -14.26 4.37 -20.34
N GLU A 112 -14.42 4.25 -21.65
CA GLU A 112 -15.31 3.23 -22.21
C GLU A 112 -14.37 2.14 -22.70
N LYS A 113 -14.52 0.93 -22.18
CA LYS A 113 -13.66 -0.18 -22.55
C LYS A 113 -14.29 -1.05 -23.62
N TYR A 114 -13.48 -1.44 -24.59
CA TYR A 114 -13.91 -2.28 -25.71
C TYR A 114 -13.01 -3.48 -25.89
N TYR A 115 -13.62 -4.62 -26.19
CA TYR A 115 -12.89 -5.85 -26.43
C TYR A 115 -12.40 -5.87 -27.88
N VAL A 116 -11.09 -5.99 -28.09
CA VAL A 116 -10.54 -6.03 -29.44
C VAL A 116 -10.30 -7.46 -29.85
N GLU A 117 -9.48 -8.15 -29.07
CA GLU A 117 -9.20 -9.56 -29.29
C GLU A 117 -8.76 -10.14 -27.97
N LYS A 118 -8.44 -11.42 -27.93
CA LYS A 118 -8.07 -12.01 -26.67
C LYS A 118 -6.90 -11.27 -26.03
N GLY A 119 -7.14 -10.77 -24.83
CA GLY A 119 -6.09 -10.06 -24.12
C GLY A 119 -5.77 -8.68 -24.63
N VAL A 120 -6.57 -8.16 -25.56
CA VAL A 120 -6.34 -6.82 -26.08
C VAL A 120 -7.59 -5.98 -25.90
N THR A 121 -7.42 -4.83 -25.23
CA THR A 121 -8.53 -3.95 -24.94
C THR A 121 -8.25 -2.52 -25.37
N ILE A 122 -9.30 -1.84 -25.82
CA ILE A 122 -9.19 -0.45 -26.24
C ILE A 122 -10.06 0.38 -25.31
N THR A 123 -9.59 1.58 -24.95
CA THR A 123 -10.40 2.42 -24.09
C THR A 123 -10.57 3.79 -24.73
N LEU A 124 -11.78 4.31 -24.66
CA LEU A 124 -12.07 5.64 -25.18
C LEU A 124 -12.08 6.51 -23.94
N ASP A 125 -11.11 7.41 -23.84
CA ASP A 125 -10.99 8.27 -22.67
C ASP A 125 -11.39 9.72 -22.91
N GLU A 126 -12.20 10.25 -22.00
CA GLU A 126 -12.61 11.65 -22.05
C GLU A 126 -12.00 12.19 -20.78
N VAL A 127 -10.85 12.85 -20.90
CA VAL A 127 -10.11 13.36 -19.74
C VAL A 127 -10.40 14.81 -19.46
N GLU A 128 -10.84 15.09 -18.25
CA GLU A 128 -11.14 16.47 -17.85
C GLU A 128 -9.87 17.31 -17.97
N GLY A 129 -9.99 18.45 -18.63
CA GLY A 129 -8.85 19.33 -18.80
C GLY A 129 -7.92 19.00 -19.95
N LEU A 130 -8.17 17.90 -20.65
CA LEU A 130 -7.33 17.51 -21.78
C LEU A 130 -8.13 17.16 -23.05
N GLY A 131 -9.19 16.39 -22.90
CA GLY A 131 -9.99 16.02 -24.04
C GLY A 131 -10.04 14.52 -24.30
N LYS A 132 -10.32 14.16 -25.55
CA LYS A 132 -10.44 12.75 -25.94
C LYS A 132 -9.15 12.05 -26.35
N PHE A 133 -8.99 10.83 -25.84
CA PHE A 133 -7.83 10.00 -26.15
C PHE A 133 -8.33 8.58 -26.33
N ILE A 134 -7.47 7.76 -26.92
CA ILE A 134 -7.77 6.35 -27.11
C ILE A 134 -6.54 5.59 -26.68
N GLU A 135 -6.75 4.57 -25.85
CA GLU A 135 -5.65 3.76 -25.39
C GLU A 135 -5.91 2.33 -25.79
N ILE A 136 -4.83 1.56 -25.92
CA ILE A 136 -4.92 0.15 -26.24
C ILE A 136 -3.85 -0.55 -25.42
N GLU A 137 -4.17 -1.73 -24.93
CA GLU A 137 -3.24 -2.48 -24.11
C GLU A 137 -3.36 -3.98 -24.26
N THR A 138 -2.26 -4.66 -23.96
CA THR A 138 -2.20 -6.11 -23.99
C THR A 138 -1.02 -6.53 -23.14
N LEU A 139 -1.10 -7.72 -22.55
CA LEU A 139 -0.03 -8.21 -21.70
C LEU A 139 0.93 -9.11 -22.46
N VAL A 140 2.21 -9.04 -22.08
CA VAL A 140 3.26 -9.85 -22.68
C VAL A 140 4.11 -10.36 -21.54
N LYS A 141 4.71 -11.53 -21.69
CA LYS A 141 5.51 -12.11 -20.63
C LYS A 141 6.91 -11.52 -20.53
N GLU A 142 7.62 -11.48 -21.66
CA GLU A 142 8.99 -10.97 -21.67
C GLU A 142 9.15 -9.56 -22.24
N LYS A 143 10.16 -8.87 -21.76
CA LYS A 143 10.46 -7.51 -22.20
C LYS A 143 10.73 -7.49 -23.70
N ASP A 144 11.36 -8.54 -24.22
CA ASP A 144 11.71 -8.58 -25.63
C ASP A 144 10.50 -8.85 -26.53
N GLU A 145 9.37 -9.19 -25.87
CA GLU A 145 8.13 -9.36 -26.62
C GLU A 145 7.37 -8.05 -26.78
N ILE A 146 7.84 -7.00 -26.05
CA ILE A 146 7.14 -5.70 -26.11
C ILE A 146 7.15 -5.09 -27.51
N PRO A 147 8.30 -5.08 -28.20
CA PRO A 147 8.34 -4.50 -29.54
C PRO A 147 7.27 -5.05 -30.49
N GLU A 148 7.13 -6.37 -30.54
CA GLU A 148 6.13 -7.00 -31.41
C GLU A 148 4.72 -6.55 -31.03
N ALA A 149 4.43 -6.57 -29.73
CA ALA A 149 3.12 -6.18 -29.24
C ALA A 149 2.82 -4.72 -29.57
N VAL A 150 3.81 -3.86 -29.42
CA VAL A 150 3.63 -2.45 -29.71
C VAL A 150 3.26 -2.29 -31.18
N GLU A 151 3.95 -3.01 -32.06
CA GLU A 151 3.66 -2.92 -33.48
C GLU A 151 2.24 -3.37 -33.76
N LYS A 152 1.82 -4.44 -33.11
CA LYS A 152 0.48 -4.98 -33.28
C LYS A 152 -0.57 -3.97 -32.81
N LEU A 153 -0.36 -3.40 -31.63
CA LEU A 153 -1.32 -2.43 -31.10
C LEU A 153 -1.32 -1.12 -31.87
N GLU A 154 -0.15 -0.68 -32.32
CA GLU A 154 -0.09 0.56 -33.07
C GLU A 154 -0.89 0.38 -34.36
N LYS A 155 -0.77 -0.80 -34.96
CA LYS A 155 -1.51 -1.07 -36.20
C LYS A 155 -3.02 -1.00 -35.98
N ILE A 156 -3.49 -1.59 -34.89
CA ILE A 156 -4.91 -1.58 -34.57
C ILE A 156 -5.42 -0.14 -34.43
N LEU A 157 -4.69 0.69 -33.71
CA LEU A 157 -5.11 2.08 -33.53
C LEU A 157 -5.06 2.88 -34.82
N ARG A 158 -4.02 2.69 -35.62
CA ARG A 158 -3.92 3.42 -36.88
C ARG A 158 -5.03 3.01 -37.82
N GLU A 159 -5.45 1.75 -37.74
CA GLU A 159 -6.53 1.27 -38.60
C GLU A 159 -7.86 1.88 -38.18
N LEU A 160 -7.90 2.45 -36.97
CA LEU A 160 -9.11 3.10 -36.46
C LEU A 160 -9.11 4.59 -36.76
N GLY A 161 -7.97 5.10 -37.22
CA GLY A 161 -7.89 6.51 -37.53
C GLY A 161 -6.97 7.32 -36.64
N VAL A 162 -6.33 6.67 -35.67
CA VAL A 162 -5.41 7.37 -34.78
C VAL A 162 -4.16 7.77 -35.53
N GLU A 163 -3.81 9.05 -35.46
CA GLU A 163 -2.63 9.58 -36.16
C GLU A 163 -1.54 10.09 -35.23
N LYS A 164 -1.92 10.74 -34.14
CA LYS A 164 -0.95 11.27 -33.21
C LYS A 164 -0.90 10.49 -31.91
N PHE A 165 0.22 9.81 -31.71
CA PHE A 165 0.44 9.01 -30.52
C PHE A 165 1.07 9.85 -29.42
N GLU A 166 0.89 9.41 -28.19
CA GLU A 166 1.41 10.16 -27.04
C GLU A 166 1.94 9.24 -25.94
N ARG A 167 3.25 9.37 -25.66
CA ARG A 167 3.85 8.56 -24.59
C ARG A 167 3.74 9.27 -23.24
N ARG A 168 3.43 10.58 -23.29
CA ARG A 168 3.26 11.31 -22.05
C ARG A 168 1.94 10.94 -21.39
N SER A 169 2.00 10.77 -20.08
CA SER A 169 0.84 10.41 -19.29
C SER A 169 -0.09 11.61 -19.20
N TYR A 170 -1.34 11.36 -18.85
CA TYR A 170 -2.28 12.45 -18.70
C TYR A 170 -1.75 13.39 -17.63
N LEU A 171 -1.14 12.83 -16.60
CA LEU A 171 -0.57 13.62 -15.51
C LEU A 171 0.45 14.61 -16.07
N GLU A 172 1.37 14.11 -16.88
CA GLU A 172 2.41 14.97 -17.46
C GLU A 172 1.81 16.04 -18.35
N LEU A 173 0.80 15.65 -19.13
CA LEU A 173 0.15 16.59 -20.03
C LEU A 173 -0.55 17.67 -19.23
N LEU A 174 -1.21 17.29 -18.13
CA LEU A 174 -1.90 18.28 -17.33
C LEU A 174 -0.91 19.18 -16.59
N LEU A 175 0.21 18.62 -16.15
CA LEU A 175 1.20 19.43 -15.44
C LEU A 175 1.81 20.50 -16.32
N GLU A 176 1.93 20.20 -17.61
CA GLU A 176 2.50 21.15 -18.56
C GLU A 176 1.60 22.38 -18.65
N LYS A 177 0.30 22.17 -18.49
CA LYS A 177 -0.68 23.24 -18.59
C LYS A 177 -0.97 23.98 -17.28
N ARG A 178 -0.17 23.70 -16.26
CA ARG A 178 -0.32 24.35 -14.97
C ARG A 178 0.27 25.75 -15.00
N GLU B 3 -5.62 5.50 22.57
CA GLU B 3 -4.91 4.24 22.94
C GLU B 3 -3.80 4.45 23.98
N VAL B 4 -4.16 4.25 25.24
CA VAL B 4 -3.19 4.38 26.33
C VAL B 4 -2.58 3.00 26.53
N GLU B 5 -1.28 2.88 26.33
CA GLU B 5 -0.60 1.60 26.49
C GLU B 5 0.67 1.67 27.33
N LEU B 6 0.92 0.61 28.09
CA LEU B 6 2.11 0.51 28.93
C LEU B 6 2.73 -0.86 28.72
N LYS B 7 4.04 -0.95 28.92
CA LYS B 7 4.75 -2.21 28.77
C LYS B 7 5.73 -2.45 29.89
N GLY B 8 5.85 -3.70 30.31
CA GLY B 8 6.78 -4.04 31.37
C GLY B 8 7.51 -5.35 31.13
N TYR B 9 8.66 -5.50 31.76
CA TYR B 9 9.43 -6.72 31.65
C TYR B 9 8.67 -7.80 32.39
N ALA B 10 8.57 -8.98 31.80
CA ALA B 10 7.85 -10.07 32.43
C ALA B 10 8.69 -11.32 32.59
N ASN B 11 8.05 -12.39 33.05
CA ASN B 11 8.70 -13.67 33.25
C ASN B 11 7.61 -14.72 33.35
N ASP B 12 8.00 -15.97 33.56
CA ASP B 12 7.02 -17.05 33.64
C ASP B 12 5.98 -16.82 34.74
N GLU B 13 6.43 -16.33 35.89
CA GLU B 13 5.52 -16.08 37.01
C GLU B 13 4.45 -15.06 36.66
N ILE B 14 4.86 -13.93 36.10
CA ILE B 14 3.93 -12.88 35.72
C ILE B 14 2.94 -13.41 34.69
N PHE B 15 3.46 -14.15 33.70
CA PHE B 15 2.62 -14.74 32.66
C PHE B 15 1.57 -15.65 33.30
N GLU B 16 2.03 -16.49 34.23
CA GLU B 16 1.13 -17.41 34.91
C GLU B 16 0.04 -16.67 35.67
N LYS B 17 0.41 -15.62 36.41
CA LYS B 17 -0.57 -14.86 37.16
C LYS B 17 -1.64 -14.30 36.24
N VAL B 18 -1.23 -13.83 35.06
CA VAL B 18 -2.19 -13.30 34.13
C VAL B 18 -3.20 -14.37 33.68
N ARG B 19 -2.69 -15.55 33.34
CA ARG B 19 -3.55 -16.64 32.88
C ARG B 19 -4.54 -17.09 33.94
N GLU B 20 -4.15 -17.00 35.21
CA GLU B 20 -5.02 -17.42 36.29
C GLU B 20 -6.01 -16.33 36.70
N THR B 21 -5.64 -15.08 36.46
CA THR B 21 -6.47 -13.95 36.84
C THR B 21 -7.43 -13.39 35.80
N PHE B 22 -7.02 -13.40 34.54
CA PHE B 22 -7.86 -12.83 33.51
C PHE B 22 -8.35 -13.82 32.48
N GLU B 23 -9.36 -13.40 31.71
CA GLU B 23 -9.95 -14.26 30.70
C GLU B 23 -9.16 -14.28 29.41
N PHE B 24 -8.74 -15.47 29.00
CA PHE B 24 -7.99 -15.66 27.76
C PHE B 24 -8.88 -15.23 26.60
N MET B 25 -8.31 -14.48 25.67
CA MET B 25 -9.06 -14.02 24.51
C MET B 25 -8.58 -14.69 23.24
N ARG B 26 -7.27 -14.71 23.04
CA ARG B 26 -6.71 -15.30 21.83
C ARG B 26 -5.18 -15.42 21.90
N LYS B 27 -4.63 -16.40 21.18
CA LYS B 27 -3.19 -16.55 21.10
C LYS B 27 -2.82 -16.30 19.64
N GLU B 28 -1.75 -15.56 19.42
CA GLU B 28 -1.34 -15.24 18.06
C GLU B 28 0.17 -15.27 17.93
N ILE B 29 0.66 -15.54 16.73
CA ILE B 29 2.10 -15.52 16.50
C ILE B 29 2.25 -14.36 15.53
N HIS B 30 3.22 -13.50 15.78
CA HIS B 30 3.46 -12.32 14.95
C HIS B 30 4.85 -12.26 14.36
N GLU B 31 4.92 -11.77 13.13
CA GLU B 31 6.22 -11.47 12.57
C GLU B 31 5.97 -10.03 12.13
N ASP B 32 6.72 -9.10 12.72
CA ASP B 32 6.60 -7.70 12.35
C ASP B 32 7.82 -7.35 11.55
N ILE B 33 7.59 -6.86 10.35
CA ILE B 33 8.68 -6.45 9.48
C ILE B 33 8.66 -4.92 9.55
N TYR B 34 9.69 -4.36 10.15
CA TYR B 34 9.81 -2.90 10.30
C TYR B 34 10.63 -2.29 9.20
N TYR B 35 10.19 -1.13 8.75
CA TYR B 35 10.85 -0.43 7.67
C TYR B 35 11.43 0.90 8.05
N GLN B 36 12.47 1.29 7.31
CA GLN B 36 13.07 2.60 7.48
C GLN B 36 12.51 3.41 6.32
N HIS B 37 12.29 4.68 6.57
CA HIS B 37 11.76 5.60 5.58
C HIS B 37 12.87 5.93 4.58
N PRO B 38 12.50 6.17 3.32
CA PRO B 38 13.51 6.49 2.31
C PRO B 38 14.44 7.67 2.62
N CYS B 39 13.99 8.64 3.41
CA CYS B 39 14.87 9.75 3.76
C CYS B 39 14.74 10.28 5.16
N ARG B 40 13.61 10.02 5.81
CA ARG B 40 13.43 10.45 7.19
C ARG B 40 14.00 9.31 8.01
N ASP B 41 14.75 9.60 9.05
CA ASP B 41 15.26 8.54 9.88
C ASP B 41 14.19 8.34 10.94
N PHE B 42 13.37 7.30 10.76
CA PHE B 42 12.30 7.01 11.70
C PHE B 42 12.80 6.89 13.13
N SER B 43 14.06 6.49 13.29
CA SER B 43 14.63 6.33 14.63
C SER B 43 14.88 7.69 15.27
N LYS B 44 14.83 8.75 14.48
CA LYS B 44 15.02 10.10 15.01
C LYS B 44 13.73 10.90 15.01
N THR B 45 12.73 10.44 14.27
CA THR B 45 11.45 11.14 14.20
C THR B 45 10.38 10.46 15.03
N ASP B 46 10.75 9.36 15.67
CA ASP B 46 9.84 8.60 16.52
C ASP B 46 8.61 8.11 15.75
N GLU B 47 8.87 7.58 14.56
CA GLU B 47 7.83 7.04 13.70
C GLU B 47 8.16 5.59 13.42
N ALA B 48 7.19 4.86 12.89
CA ALA B 48 7.41 3.46 12.52
C ALA B 48 6.45 3.06 11.43
N LEU B 49 6.85 2.07 10.64
CA LEU B 49 6.02 1.54 9.57
C LEU B 49 6.33 0.06 9.56
N ARG B 50 5.31 -0.76 9.70
CA ARG B 50 5.55 -2.18 9.73
C ARG B 50 4.47 -2.98 9.06
N ILE B 51 4.84 -4.17 8.61
CA ILE B 51 3.87 -5.09 8.06
C ILE B 51 3.86 -6.18 9.10
N ARG B 52 2.68 -6.48 9.62
CA ARG B 52 2.53 -7.52 10.62
C ARG B 52 1.80 -8.71 10.02
N ILE B 53 2.41 -9.88 10.15
CA ILE B 53 1.79 -11.10 9.67
C ILE B 53 1.45 -11.85 10.95
N LYS B 54 0.16 -12.06 11.17
CA LYS B 54 -0.29 -12.73 12.37
C LYS B 54 -0.89 -14.07 12.02
N ARG B 55 -0.66 -15.05 12.87
CA ARG B 55 -1.28 -16.35 12.65
C ARG B 55 -2.06 -16.69 13.91
N PHE B 56 -3.30 -17.09 13.72
CA PHE B 56 -4.18 -17.48 14.82
C PHE B 56 -5.37 -18.18 14.19
N ASN B 57 -6.02 -19.04 14.96
CA ASN B 57 -7.18 -19.79 14.50
C ASN B 57 -6.99 -20.37 13.10
N GLY B 58 -5.89 -21.08 12.91
CA GLY B 58 -5.60 -21.73 11.65
C GLY B 58 -5.49 -20.85 10.41
N HIS B 59 -5.24 -19.56 10.57
CA HIS B 59 -5.09 -18.71 9.39
C HIS B 59 -4.21 -17.49 9.67
N ASN B 60 -3.73 -16.88 8.58
CA ASN B 60 -2.88 -15.70 8.68
C ASN B 60 -3.64 -14.45 8.31
N GLU B 61 -3.32 -13.35 8.99
CA GLU B 61 -3.92 -12.06 8.69
C GLU B 61 -2.72 -11.14 8.54
N VAL B 62 -2.81 -10.17 7.64
CA VAL B 62 -1.69 -9.27 7.40
C VAL B 62 -2.13 -7.82 7.54
N PHE B 63 -1.30 -7.02 8.21
CA PHE B 63 -1.61 -5.61 8.40
C PHE B 63 -0.43 -4.71 8.10
N LEU B 64 -0.74 -3.52 7.61
CA LEU B 64 0.26 -2.51 7.31
C LEU B 64 -0.10 -1.41 8.31
N THR B 65 0.87 -1.03 9.14
CA THR B 65 0.60 -0.04 10.17
C THR B 65 1.65 1.05 10.29
N TYR B 66 1.17 2.28 10.34
CA TYR B 66 2.04 3.44 10.51
C TYR B 66 1.84 3.94 11.93
N LYS B 67 2.94 4.28 12.59
CA LYS B 67 2.91 4.81 13.96
C LYS B 67 3.50 6.21 13.91
N GLY B 68 2.71 7.20 14.33
CA GLY B 68 3.19 8.57 14.32
C GLY B 68 4.03 8.91 15.54
N PRO B 69 4.65 10.11 15.58
CA PRO B 69 5.48 10.52 16.71
C PRO B 69 4.60 10.92 17.90
N LEU B 79 -2.64 8.81 16.03
CA LEU B 79 -1.21 8.54 15.96
C LEU B 79 -0.92 7.15 15.42
N GLU B 80 -1.89 6.57 14.73
CA GLU B 80 -1.72 5.24 14.14
C GLU B 80 -2.71 5.00 13.02
N ILE B 81 -2.20 4.51 11.89
CA ILE B 81 -3.02 4.22 10.74
C ILE B 81 -2.77 2.77 10.40
N GLU B 82 -3.81 1.95 10.47
CA GLU B 82 -3.67 0.54 10.19
C GLU B 82 -4.68 0.04 9.16
N VAL B 83 -4.18 -0.71 8.17
CA VAL B 83 -5.04 -1.27 7.15
C VAL B 83 -4.72 -2.74 7.00
N GLU B 84 -5.73 -3.54 6.70
CA GLU B 84 -5.51 -4.96 6.53
C GLU B 84 -5.23 -5.29 5.07
N ILE B 85 -4.22 -6.14 4.85
CA ILE B 85 -3.83 -6.57 3.52
C ILE B 85 -4.53 -7.92 3.35
N GLN B 86 -5.60 -7.94 2.56
CA GLN B 86 -6.38 -9.15 2.35
C GLN B 86 -5.83 -10.01 1.23
N GLU B 87 -5.03 -9.40 0.36
CA GLU B 87 -4.44 -10.13 -0.75
C GLU B 87 -3.18 -9.44 -1.25
N ASP B 88 -2.39 -10.18 -2.01
CA ASP B 88 -1.15 -9.65 -2.60
C ASP B 88 -0.14 -9.04 -1.64
N VAL B 89 0.10 -9.65 -0.49
CA VAL B 89 1.08 -9.08 0.43
C VAL B 89 2.45 -8.96 -0.24
N ASP B 90 2.75 -9.87 -1.17
CA ASP B 90 4.03 -9.81 -1.86
C ASP B 90 4.13 -8.52 -2.65
N LYS B 91 2.99 -8.03 -3.15
CA LYS B 91 2.98 -6.79 -3.90
C LYS B 91 3.25 -5.63 -2.96
N TYR B 92 2.75 -5.71 -1.73
CA TYR B 92 3.01 -4.63 -0.79
C TYR B 92 4.50 -4.60 -0.46
N PHE B 93 5.13 -5.78 -0.34
CA PHE B 93 6.55 -5.81 -0.04
C PHE B 93 7.29 -5.15 -1.17
N GLU B 94 6.88 -5.48 -2.39
CA GLU B 94 7.53 -4.92 -3.56
C GLU B 94 7.30 -3.41 -3.65
N LEU B 95 6.08 -2.97 -3.38
CA LEU B 95 5.78 -1.54 -3.44
C LEU B 95 6.65 -0.78 -2.45
N LEU B 96 6.77 -1.30 -1.24
CA LEU B 96 7.61 -0.64 -0.24
C LEU B 96 9.07 -0.54 -0.71
N ASP B 97 9.57 -1.63 -1.30
CA ASP B 97 10.95 -1.64 -1.77
C ASP B 97 11.13 -0.62 -2.88
N ARG B 98 10.18 -0.59 -3.82
CA ARG B 98 10.25 0.34 -4.94
C ARG B 98 10.20 1.80 -4.47
N LEU B 99 9.50 2.05 -3.36
CA LEU B 99 9.39 3.41 -2.85
C LEU B 99 10.55 3.80 -1.95
N GLY B 100 11.50 2.89 -1.77
CA GLY B 100 12.67 3.19 -0.97
C GLY B 100 12.64 2.81 0.49
N PHE B 101 11.59 2.11 0.91
CA PHE B 101 11.52 1.70 2.31
C PHE B 101 12.35 0.43 2.41
N LYS B 102 13.19 0.37 3.42
CA LYS B 102 14.04 -0.79 3.59
C LYS B 102 13.80 -1.47 4.91
N GLU B 103 13.87 -2.79 4.90
CA GLU B 103 13.69 -3.57 6.10
C GLU B 103 14.79 -3.25 7.10
N VAL B 104 14.39 -2.95 8.32
CA VAL B 104 15.35 -2.63 9.37
C VAL B 104 15.55 -3.86 10.24
N LEU B 105 14.43 -4.53 10.53
CA LEU B 105 14.48 -5.69 11.38
C LEU B 105 13.13 -6.39 11.37
N LYS B 106 13.15 -7.70 11.59
CA LYS B 106 11.93 -8.48 11.64
C LYS B 106 11.84 -8.97 13.07
N VAL B 107 10.73 -8.63 13.71
CA VAL B 107 10.49 -9.00 15.10
C VAL B 107 9.44 -10.11 15.18
N VAL B 108 9.84 -11.25 15.70
CA VAL B 108 8.91 -12.37 15.84
C VAL B 108 8.53 -12.53 17.30
N LYS B 109 7.25 -12.75 17.55
CA LYS B 109 6.81 -12.95 18.92
C LYS B 109 5.52 -13.75 18.97
N THR B 110 5.28 -14.34 20.11
CA THR B 110 4.05 -15.08 20.34
C THR B 110 3.33 -14.15 21.29
N ARG B 111 2.03 -14.00 21.10
CA ARG B 111 1.26 -13.12 21.95
C ARG B 111 -0.02 -13.74 22.43
N GLU B 112 -0.28 -13.63 23.73
CA GLU B 112 -1.52 -14.16 24.28
C GLU B 112 -2.25 -12.94 24.81
N LYS B 113 -3.49 -12.76 24.36
CA LYS B 113 -4.29 -11.61 24.78
C LYS B 113 -5.30 -12.01 25.84
N TYR B 114 -5.42 -11.18 26.88
CA TYR B 114 -6.35 -11.42 27.97
C TYR B 114 -7.24 -10.22 28.26
N TYR B 115 -8.49 -10.50 28.61
CA TYR B 115 -9.47 -9.48 28.93
C TYR B 115 -9.39 -9.19 30.42
N VAL B 116 -9.16 -7.93 30.76
CA VAL B 116 -9.07 -7.54 32.17
C VAL B 116 -10.44 -7.06 32.63
N GLU B 117 -10.95 -6.07 31.92
CA GLU B 117 -12.25 -5.49 32.23
C GLU B 117 -12.71 -4.70 31.00
N LYS B 118 -13.83 -4.02 31.12
CA LYS B 118 -14.37 -3.24 30.03
C LYS B 118 -13.32 -2.28 29.46
N GLY B 119 -12.95 -2.48 28.20
CA GLY B 119 -11.99 -1.62 27.56
C GLY B 119 -10.54 -1.76 27.98
N VAL B 120 -10.21 -2.84 28.70
CA VAL B 120 -8.83 -3.05 29.13
C VAL B 120 -8.33 -4.44 28.75
N THR B 121 -7.22 -4.49 28.03
CA THR B 121 -6.65 -5.75 27.60
C THR B 121 -5.18 -5.85 27.94
N ILE B 122 -4.73 -7.09 28.17
CA ILE B 122 -3.35 -7.38 28.49
C ILE B 122 -2.80 -8.37 27.48
N THR B 123 -1.53 -8.22 27.14
CA THR B 123 -0.91 -9.14 26.21
C THR B 123 0.36 -9.69 26.84
N LEU B 124 0.56 -11.00 26.68
CA LEU B 124 1.75 -11.66 27.19
C LEU B 124 2.56 -11.92 25.94
N ASP B 125 3.68 -11.22 25.82
CA ASP B 125 4.54 -11.35 24.65
C ASP B 125 5.85 -12.07 24.89
N GLU B 126 6.13 -13.05 24.05
CA GLU B 126 7.38 -13.80 24.12
C GLU B 126 8.08 -13.35 22.84
N VAL B 127 9.00 -12.40 22.98
CA VAL B 127 9.70 -11.84 21.82
C VAL B 127 11.02 -12.53 21.53
N GLU B 128 11.11 -13.12 20.35
CA GLU B 128 12.31 -13.82 19.92
C GLU B 128 13.51 -12.89 19.96
N GLY B 129 14.55 -13.30 20.68
CA GLY B 129 15.74 -12.47 20.79
C GLY B 129 15.71 -11.43 21.89
N LEU B 130 14.58 -11.32 22.59
CA LEU B 130 14.43 -10.34 23.68
C LEU B 130 13.94 -10.96 24.97
N GLY B 131 12.89 -11.76 24.88
CA GLY B 131 12.34 -12.38 26.07
C GLY B 131 10.88 -12.05 26.32
N LYS B 132 10.46 -12.23 27.57
CA LYS B 132 9.08 -11.99 27.98
C LYS B 132 8.76 -10.57 28.39
N PHE B 133 7.62 -10.09 27.91
CA PHE B 133 7.13 -8.74 28.22
C PHE B 133 5.63 -8.82 28.41
N ILE B 134 5.10 -7.86 29.14
CA ILE B 134 3.66 -7.79 29.35
C ILE B 134 3.20 -6.39 29.00
N GLU B 135 2.17 -6.31 28.16
CA GLU B 135 1.64 -5.00 27.77
C GLU B 135 0.19 -4.90 28.20
N ILE B 136 -0.26 -3.68 28.45
CA ILE B 136 -1.63 -3.44 28.85
C ILE B 136 -2.10 -2.18 28.12
N GLU B 137 -3.34 -2.19 27.65
CA GLU B 137 -3.87 -1.07 26.89
C GLU B 137 -5.35 -0.79 27.09
N THR B 138 -5.74 0.47 26.93
CA THR B 138 -7.12 0.91 27.07
C THR B 138 -7.32 2.22 26.33
N LEU B 139 -8.57 2.58 26.08
CA LEU B 139 -8.88 3.82 25.37
C LEU B 139 -9.55 4.84 26.28
N VAL B 140 -9.24 6.12 26.08
CA VAL B 140 -9.83 7.20 26.87
C VAL B 140 -10.12 8.41 26.00
N ALA B 149 -5.68 7.24 33.35
CA ALA B 149 -5.73 5.91 32.76
C ALA B 149 -4.40 5.19 32.94
N VAL B 150 -3.31 5.95 32.95
CA VAL B 150 -1.98 5.37 33.11
C VAL B 150 -1.80 4.76 34.48
N GLU B 151 -2.15 5.51 35.52
CA GLU B 151 -2.02 5.00 36.89
C GLU B 151 -2.87 3.76 37.09
N LYS B 152 -3.98 3.68 36.36
CA LYS B 152 -4.87 2.53 36.46
C LYS B 152 -4.20 1.29 35.87
N LEU B 153 -3.67 1.42 34.65
CA LEU B 153 -3.01 0.30 34.00
C LEU B 153 -1.73 -0.01 34.75
N GLU B 154 -1.05 1.04 35.23
CA GLU B 154 0.18 0.88 35.96
C GLU B 154 -0.03 0.04 37.20
N LYS B 155 -1.08 0.34 37.94
CA LYS B 155 -1.39 -0.40 39.15
C LYS B 155 -1.66 -1.88 38.82
N ILE B 156 -2.42 -2.12 37.77
CA ILE B 156 -2.73 -3.48 37.33
C ILE B 156 -1.45 -4.29 37.10
N LEU B 157 -0.53 -3.72 36.33
CA LEU B 157 0.73 -4.39 36.04
C LEU B 157 1.58 -4.58 37.29
N ARG B 158 1.64 -3.57 38.15
CA ARG B 158 2.42 -3.65 39.36
C ARG B 158 1.91 -4.76 40.28
N GLU B 159 0.59 -4.94 40.34
CA GLU B 159 0.02 -5.96 41.20
C GLU B 159 0.34 -7.37 40.68
N LEU B 160 0.63 -7.46 39.39
CA LEU B 160 0.98 -8.73 38.77
C LEU B 160 2.44 -9.09 39.02
N GLY B 161 3.19 -8.15 39.59
CA GLY B 161 4.59 -8.41 39.88
C GLY B 161 5.57 -7.69 38.96
N VAL B 162 5.05 -6.83 38.09
CA VAL B 162 5.90 -6.07 37.16
C VAL B 162 6.65 -4.98 37.91
N GLU B 163 7.97 -5.01 37.80
CA GLU B 163 8.79 -4.03 38.49
C GLU B 163 9.59 -3.12 37.56
N LYS B 164 9.68 -3.50 36.29
CA LYS B 164 10.43 -2.71 35.33
C LYS B 164 9.59 -2.41 34.10
N PHE B 165 9.28 -1.14 33.88
CA PHE B 165 8.51 -0.75 32.72
C PHE B 165 9.43 -0.41 31.56
N GLU B 166 8.85 -0.24 30.37
CA GLU B 166 9.64 0.04 29.17
C GLU B 166 8.85 0.79 28.10
N ARG B 167 9.24 2.04 27.82
CA ARG B 167 8.54 2.81 26.79
C ARG B 167 9.10 2.50 25.42
N ARG B 168 10.33 1.96 25.39
CA ARG B 168 10.96 1.61 24.14
C ARG B 168 10.27 0.39 23.54
N SER B 169 10.09 0.41 22.22
CA SER B 169 9.44 -0.68 21.51
C SER B 169 10.38 -1.86 21.35
N TYR B 170 9.84 -3.01 20.98
CA TYR B 170 10.67 -4.20 20.79
C TYR B 170 11.71 -3.94 19.73
N LEU B 171 11.32 -3.22 18.68
CA LEU B 171 12.26 -2.89 17.61
C LEU B 171 13.44 -2.14 18.21
N GLU B 172 13.14 -1.07 18.94
CA GLU B 172 14.18 -0.25 19.56
C GLU B 172 15.08 -1.09 20.47
N LEU B 173 14.46 -1.95 21.28
CA LEU B 173 15.22 -2.80 22.19
C LEU B 173 16.14 -3.77 21.47
N LEU B 174 15.64 -4.39 20.40
CA LEU B 174 16.44 -5.34 19.65
C LEU B 174 17.60 -4.64 18.97
N LEU B 175 17.38 -3.43 18.48
CA LEU B 175 18.43 -2.67 17.82
C LEU B 175 19.50 -2.29 18.83
N GLU B 176 19.07 -1.81 20.00
CA GLU B 176 20.00 -1.41 21.05
C GLU B 176 20.80 -2.61 21.50
N LYS B 177 20.14 -3.76 21.60
CA LYS B 177 20.78 -4.99 22.02
C LYS B 177 21.85 -5.40 21.01
N ARG B 178 21.54 -5.23 19.73
CA ARG B 178 22.49 -5.59 18.68
C ARG B 178 23.70 -4.67 18.69
N THR B 179 23.45 -3.38 18.89
CA THR B 179 24.52 -2.40 18.92
C THR B 179 25.49 -2.63 20.07
N GLU B 180 24.96 -2.93 21.26
CA GLU B 180 25.79 -3.18 22.42
C GLU B 180 26.55 -4.50 22.30
N LEU B 181 25.91 -5.49 21.68
CA LEU B 181 26.51 -6.80 21.51
C LEU B 181 27.67 -6.79 20.53
N ASN B 182 27.66 -5.83 19.60
CA ASN B 182 28.75 -5.72 18.62
C ASN B 182 29.61 -4.49 18.91
#